data_5L6X
#
_entry.id   5L6X
#
_cell.length_a   77.023
_cell.length_b   89.410
_cell.length_c   68.604
_cell.angle_alpha   90.000
_cell.angle_beta   97.816
_cell.angle_gamma   90.000
#
_symmetry.space_group_name_H-M   'C 1 2 1'
#
loop_
_entity.id
_entity.type
_entity.pdbx_description
1 polymer 'Glutathione S-transferase P'
2 non-polymer 'AZIDE ION'
3 non-polymer S-[N-(ferrocenylmethyl)carbamoylmethyl]-glutathione
4 water water
#
_entity_poly.entity_id   1
_entity_poly.type   'polypeptide(L)'
_entity_poly.pdbx_seq_one_letter_code
;MAPYTVVYFPVRGRCAALRMLLADQGQSWKEEVVTVETWQEGSLKASCLYGQLPKFQDGDLTLYQSNTILRHLGRTLGLY
GKDQQEAALVDMVNDGVEDLRCKYISLIYTNYEAGKDDYVKALPGQLKPFETLLSQNQGGKTFIVGDQISFADYNLLDLL
LIHEVLAPGCLDAFPLLSAYVGRLSARPKLKAFLASPEYVNLPINGNGKQ
;
_entity_poly.pdbx_strand_id   A,B
#
# COMPACT_ATOMS: atom_id res chain seq x y z
N MET A 1 29.03 -4.30 -11.79
CA MET A 1 28.31 -5.12 -10.80
C MET A 1 26.88 -5.40 -11.27
N ALA A 2 26.04 -5.91 -10.38
CA ALA A 2 24.66 -6.21 -10.72
C ALA A 2 23.83 -4.92 -10.74
N PRO A 3 22.84 -4.84 -11.63
CA PRO A 3 22.00 -3.65 -11.73
C PRO A 3 21.03 -3.54 -10.54
N TYR A 4 20.76 -4.66 -9.89
CA TYR A 4 19.84 -4.69 -8.75
C TYR A 4 20.57 -4.82 -7.41
N THR A 5 20.22 -3.97 -6.45
CA THR A 5 20.82 -4.02 -5.12
C THR A 5 19.74 -3.88 -4.06
N VAL A 6 19.73 -4.83 -3.12
CA VAL A 6 18.76 -4.81 -2.02
C VAL A 6 19.50 -4.38 -0.76
N VAL A 7 19.05 -3.28 -0.15
CA VAL A 7 19.65 -2.77 1.07
C VAL A 7 18.63 -2.98 2.19
N TYR A 8 18.91 -3.94 3.07
CA TYR A 8 17.97 -4.28 4.13
C TYR A 8 18.67 -4.89 5.35
N PHE A 9 17.90 -5.13 6.40
CA PHE A 9 18.43 -5.73 7.62
C PHE A 9 18.59 -7.22 7.32
N PRO A 10 19.32 -7.96 8.17
CA PRO A 10 19.51 -9.40 7.94
C PRO A 10 18.30 -10.23 8.37
N VAL A 11 17.17 -9.99 7.70
CA VAL A 11 15.93 -10.72 7.96
C VAL A 11 15.21 -10.89 6.63
N ARG A 12 14.18 -11.74 6.62
CA ARG A 12 13.41 -11.96 5.42
C ARG A 12 12.41 -10.80 5.35
N GLY A 13 11.61 -10.68 6.41
CA GLY A 13 10.63 -9.61 6.52
C GLY A 13 9.99 -9.08 5.25
N ARG A 14 10.09 -7.77 5.05
CA ARG A 14 9.49 -7.12 3.88
C ARG A 14 10.26 -7.25 2.57
N CYS A 15 11.33 -8.03 2.55
CA CYS A 15 12.10 -8.24 1.33
C CYS A 15 11.94 -9.66 0.79
N ALA A 16 11.33 -10.53 1.59
CA ALA A 16 11.14 -11.92 1.20
C ALA A 16 10.44 -12.08 -0.15
N ALA A 17 9.31 -11.41 -0.31
CA ALA A 17 8.54 -11.51 -1.55
C ALA A 17 9.28 -11.04 -2.79
N LEU A 18 9.90 -9.86 -2.73
CA LEU A 18 10.63 -9.35 -3.88
C LEU A 18 11.84 -10.23 -4.23
N ARG A 19 12.42 -10.87 -3.21
CA ARG A 19 13.55 -11.76 -3.46
C ARG A 19 13.07 -13.03 -4.16
N MET A 20 11.91 -13.55 -3.73
CA MET A 20 11.38 -14.74 -4.37
C MET A 20 11.11 -14.39 -5.83
N LEU A 21 10.51 -13.22 -6.04
CA LEU A 21 10.19 -12.74 -7.37
C LEU A 21 11.44 -12.73 -8.25
N LEU A 22 12.49 -12.04 -7.79
CA LEU A 22 13.73 -11.97 -8.57
C LEU A 22 14.32 -13.35 -8.84
N ALA A 23 14.35 -14.20 -7.82
CA ALA A 23 14.91 -15.55 -7.99
C ALA A 23 14.08 -16.39 -8.95
N ASP A 24 12.76 -16.36 -8.79
CA ASP A 24 11.88 -17.14 -9.66
C ASP A 24 11.93 -16.66 -11.11
N GLN A 25 12.30 -15.40 -11.29
CA GLN A 25 12.40 -14.82 -12.63
C GLN A 25 13.79 -14.90 -13.22
N GLY A 26 14.65 -15.69 -12.57
CA GLY A 26 16.02 -15.87 -13.05
C GLY A 26 16.90 -14.64 -12.98
N GLN A 27 16.55 -13.68 -12.14
CA GLN A 27 17.34 -12.46 -12.00
C GLN A 27 18.33 -12.58 -10.84
N SER A 28 19.47 -11.91 -10.98
CA SER A 28 20.49 -11.90 -9.94
C SER A 28 20.49 -10.52 -9.31
N TRP A 29 20.93 -10.43 -8.07
CA TRP A 29 20.95 -9.13 -7.38
C TRP A 29 21.95 -9.14 -6.24
N LYS A 30 22.38 -7.96 -5.83
CA LYS A 30 23.33 -7.79 -4.75
C LYS A 30 22.61 -7.52 -3.41
N GLU A 31 23.04 -8.20 -2.37
CA GLU A 31 22.47 -7.99 -1.03
C GLU A 31 23.44 -7.12 -0.24
N GLU A 32 23.00 -5.93 0.12
CA GLU A 32 23.82 -5.02 0.92
C GLU A 32 23.17 -5.04 2.30
N VAL A 33 23.72 -5.86 3.20
CA VAL A 33 23.17 -6.02 4.54
C VAL A 33 23.52 -4.90 5.52
N VAL A 34 22.52 -4.45 6.26
CA VAL A 34 22.67 -3.40 7.25
C VAL A 34 22.41 -4.00 8.63
N THR A 35 23.43 -4.02 9.48
CA THR A 35 23.25 -4.57 10.82
C THR A 35 22.56 -3.53 11.66
N VAL A 36 21.95 -3.97 12.76
CA VAL A 36 21.25 -3.06 13.66
C VAL A 36 22.22 -2.04 14.21
N GLU A 37 23.45 -2.48 14.49
CA GLU A 37 24.46 -1.58 15.03
C GLU A 37 24.76 -0.48 14.01
N THR A 38 24.91 -0.86 12.75
CA THR A 38 25.18 0.13 11.70
C THR A 38 24.02 1.11 11.61
N TRP A 39 22.79 0.58 11.67
CA TRP A 39 21.58 1.39 11.59
C TRP A 39 21.53 2.41 12.73
N GLN A 40 21.91 1.97 13.92
CA GLN A 40 21.89 2.84 15.09
C GLN A 40 22.85 4.02 14.96
N GLU A 41 23.87 3.87 14.11
CA GLU A 41 24.83 4.94 13.88
C GLU A 41 24.10 6.18 13.35
N GLY A 42 23.00 5.94 12.64
CA GLY A 42 22.19 7.04 12.14
C GLY A 42 22.39 7.61 10.74
N SER A 43 23.59 7.51 10.20
CA SER A 43 23.87 8.06 8.87
C SER A 43 22.96 7.53 7.77
N LEU A 44 22.94 6.22 7.59
CA LEU A 44 22.13 5.59 6.55
C LEU A 44 20.66 6.01 6.70
N LYS A 45 20.10 5.83 7.90
CA LYS A 45 18.71 6.17 8.16
C LYS A 45 18.40 7.61 7.74
N ALA A 46 19.26 8.53 8.14
CA ALA A 46 19.06 9.93 7.80
C ALA A 46 19.01 10.13 6.29
N SER A 47 19.68 9.26 5.54
CA SER A 47 19.70 9.39 4.09
C SER A 47 18.52 8.70 3.36
N CYS A 48 17.77 7.88 4.08
CA CYS A 48 16.64 7.18 3.48
C CYS A 48 15.43 8.12 3.39
N LEU A 49 14.73 8.08 2.26
CA LEU A 49 13.58 8.94 2.02
C LEU A 49 12.61 9.02 3.19
N TYR A 50 12.16 7.88 3.67
CA TYR A 50 11.22 7.83 4.79
C TYR A 50 11.89 7.31 6.06
N GLY A 51 13.21 7.39 6.09
CA GLY A 51 13.95 6.94 7.27
C GLY A 51 13.86 5.45 7.55
N GLN A 52 13.58 4.64 6.54
CA GLN A 52 13.47 3.21 6.75
C GLN A 52 13.99 2.38 5.57
N LEU A 53 14.07 1.07 5.79
CA LEU A 53 14.49 0.12 4.78
C LEU A 53 13.28 -0.79 4.55
N PRO A 54 13.26 -1.57 3.46
CA PRO A 54 14.28 -1.67 2.40
C PRO A 54 14.49 -0.46 1.50
N LYS A 55 15.68 -0.44 0.91
CA LYS A 55 16.10 0.56 -0.04
C LYS A 55 16.48 -0.33 -1.22
N PHE A 56 16.06 0.05 -2.42
CA PHE A 56 16.34 -0.77 -3.60
C PHE A 56 17.04 0.05 -4.67
N GLN A 57 18.07 -0.51 -5.28
CA GLN A 57 18.79 0.17 -6.34
C GLN A 57 18.64 -0.57 -7.64
N ASP A 58 18.19 0.15 -8.66
CA ASP A 58 18.03 -0.40 -10.01
C ASP A 58 18.82 0.58 -10.86
N GLY A 59 20.08 0.28 -11.12
CA GLY A 59 20.88 1.23 -11.87
C GLY A 59 20.94 2.44 -10.97
N ASP A 60 20.82 3.64 -11.51
CA ASP A 60 20.87 4.82 -10.66
C ASP A 60 19.51 5.17 -10.07
N LEU A 61 18.53 4.30 -10.26
CA LEU A 61 17.19 4.53 -9.72
C LEU A 61 17.14 3.98 -8.30
N THR A 62 17.00 4.88 -7.32
CA THR A 62 16.95 4.48 -5.92
C THR A 62 15.53 4.53 -5.41
N LEU A 63 15.02 3.38 -4.97
CA LEU A 63 13.66 3.29 -4.47
C LEU A 63 13.59 2.88 -3.00
N TYR A 64 12.44 3.20 -2.40
CA TYR A 64 12.14 2.86 -1.02
C TYR A 64 10.71 2.34 -1.09
N GLN A 65 10.22 1.70 -0.03
CA GLN A 65 8.86 1.13 0.03
C GLN A 65 8.81 -0.23 -0.65
N SER A 66 8.66 -1.29 0.17
CA SER A 66 8.62 -2.66 -0.32
C SER A 66 7.63 -2.90 -1.46
N ASN A 67 6.41 -2.34 -1.36
CA ASN A 67 5.43 -2.54 -2.42
C ASN A 67 5.75 -1.75 -3.69
N THR A 68 6.51 -0.67 -3.53
CA THR A 68 6.91 0.12 -4.70
C THR A 68 7.91 -0.74 -5.47
N ILE A 69 8.77 -1.44 -4.73
CA ILE A 69 9.77 -2.30 -5.34
C ILE A 69 9.07 -3.46 -6.06
N LEU A 70 8.03 -4.01 -5.43
CA LEU A 70 7.29 -5.11 -6.05
C LEU A 70 6.60 -4.65 -7.34
N ARG A 71 5.93 -3.51 -7.29
CA ARG A 71 5.25 -2.99 -8.46
C ARG A 71 6.25 -2.64 -9.56
N HIS A 72 7.40 -2.08 -9.16
CA HIS A 72 8.41 -1.71 -10.13
C HIS A 72 8.91 -2.95 -10.90
N LEU A 73 9.28 -3.98 -10.16
CA LEU A 73 9.75 -5.21 -10.77
C LEU A 73 8.61 -5.87 -11.56
N GLY A 74 7.39 -5.73 -11.06
CA GLY A 74 6.24 -6.31 -11.75
C GLY A 74 6.00 -5.65 -13.09
N ARG A 75 6.24 -4.35 -13.14
CA ARG A 75 6.06 -3.58 -14.35
C ARG A 75 7.20 -3.90 -15.33
N THR A 76 8.44 -3.84 -14.83
CA THR A 76 9.59 -4.10 -15.68
C THR A 76 9.77 -5.55 -16.13
N LEU A 77 9.31 -6.51 -15.33
CA LEU A 77 9.45 -7.92 -15.70
C LEU A 77 8.18 -8.58 -16.25
N GLY A 78 7.16 -7.78 -16.53
CA GLY A 78 5.92 -8.31 -17.07
C GLY A 78 5.12 -9.20 -16.13
N LEU A 79 5.02 -8.79 -14.87
CA LEU A 79 4.28 -9.56 -13.86
C LEU A 79 3.18 -8.68 -13.26
N TYR A 80 2.42 -8.01 -14.13
CA TYR A 80 1.38 -7.10 -13.67
C TYR A 80 0.06 -7.29 -14.43
N GLY A 81 -0.29 -8.52 -14.77
CA GLY A 81 -1.53 -8.77 -15.49
C GLY A 81 -1.37 -8.61 -16.99
N LYS A 82 -2.34 -9.06 -17.77
CA LYS A 82 -2.25 -8.95 -19.22
C LYS A 82 -2.86 -7.67 -19.78
N ASP A 83 -3.69 -6.99 -18.99
CA ASP A 83 -4.31 -5.74 -19.41
C ASP A 83 -4.61 -4.83 -18.22
N GLN A 84 -5.17 -3.65 -18.49
CA GLN A 84 -5.48 -2.70 -17.42
C GLN A 84 -6.40 -3.26 -16.35
N GLN A 85 -7.41 -4.02 -16.75
CA GLN A 85 -8.33 -4.59 -15.78
C GLN A 85 -7.63 -5.60 -14.87
N GLU A 86 -6.80 -6.47 -15.43
CA GLU A 86 -6.11 -7.46 -14.59
C GLU A 86 -5.13 -6.78 -13.66
N ALA A 87 -4.49 -5.70 -14.13
CA ALA A 87 -3.54 -4.96 -13.30
C ALA A 87 -4.26 -4.46 -12.06
N ALA A 88 -5.50 -3.99 -12.25
CA ALA A 88 -6.30 -3.50 -11.13
C ALA A 88 -6.60 -4.62 -10.14
N LEU A 89 -6.86 -5.82 -10.66
CA LEU A 89 -7.15 -6.97 -9.81
C LEU A 89 -5.88 -7.38 -9.07
N VAL A 90 -4.74 -7.21 -9.73
CA VAL A 90 -3.46 -7.56 -9.10
C VAL A 90 -3.19 -6.59 -7.94
N ASP A 91 -3.51 -5.32 -8.15
CA ASP A 91 -3.33 -4.33 -7.09
C ASP A 91 -4.25 -4.65 -5.93
N MET A 92 -5.49 -5.00 -6.24
CA MET A 92 -6.48 -5.31 -5.22
C MET A 92 -6.01 -6.44 -4.33
N VAL A 93 -5.35 -7.43 -4.94
CA VAL A 93 -4.83 -8.56 -4.19
C VAL A 93 -3.66 -8.12 -3.31
N ASN A 94 -2.70 -7.40 -3.91
CA ASN A 94 -1.54 -6.97 -3.13
C ASN A 94 -1.91 -6.06 -1.96
N ASP A 95 -2.86 -5.15 -2.18
CA ASP A 95 -3.27 -4.27 -1.09
C ASP A 95 -3.87 -5.11 0.03
N GLY A 96 -4.59 -6.16 -0.34
CA GLY A 96 -5.18 -7.04 0.67
C GLY A 96 -4.07 -7.73 1.43
N VAL A 97 -3.06 -8.20 0.71
CA VAL A 97 -1.93 -8.88 1.33
C VAL A 97 -1.22 -7.90 2.27
N GLU A 98 -1.01 -6.67 1.81
CA GLU A 98 -0.36 -5.63 2.60
C GLU A 98 -1.11 -5.38 3.90
N ASP A 99 -2.44 -5.34 3.83
CA ASP A 99 -3.28 -5.11 5.01
C ASP A 99 -3.04 -6.18 6.07
N LEU A 100 -3.05 -7.44 5.63
CA LEU A 100 -2.84 -8.55 6.55
C LEU A 100 -1.41 -8.50 7.08
N ARG A 101 -0.45 -8.22 6.20
CA ARG A 101 0.95 -8.16 6.63
C ARG A 101 1.14 -7.14 7.76
N CYS A 102 0.43 -6.03 7.69
CA CYS A 102 0.54 -4.99 8.73
C CYS A 102 0.00 -5.51 10.06
N LYS A 103 -1.06 -6.31 10.02
CA LYS A 103 -1.61 -6.86 11.25
C LYS A 103 -0.61 -7.88 11.79
N TYR A 104 -0.08 -8.70 10.90
CA TYR A 104 0.91 -9.70 11.28
C TYR A 104 2.10 -8.98 11.90
N ILE A 105 2.51 -7.87 11.29
CA ILE A 105 3.63 -7.09 11.78
C ILE A 105 3.34 -6.52 13.18
N SER A 106 2.12 -6.05 13.37
CA SER A 106 1.72 -5.50 14.67
C SER A 106 1.81 -6.57 15.75
N LEU A 107 1.41 -7.78 15.42
CA LEU A 107 1.44 -8.89 16.37
C LEU A 107 2.89 -9.23 16.74
N ILE A 108 3.67 -9.56 15.73
CA ILE A 108 5.08 -9.93 15.92
C ILE A 108 5.92 -8.93 16.72
N TYR A 109 5.85 -7.66 16.34
CA TYR A 109 6.67 -6.63 16.96
C TYR A 109 6.11 -5.83 18.14
N THR A 110 4.80 -5.79 18.31
CA THR A 110 4.25 -5.01 19.42
C THR A 110 3.31 -5.72 20.37
N ASN A 111 2.95 -6.96 20.09
CA ASN A 111 2.02 -7.66 20.98
C ASN A 111 1.89 -9.16 20.75
N TYR A 112 3.02 -9.83 20.53
CA TYR A 112 2.99 -11.27 20.28
C TYR A 112 2.33 -12.08 21.40
N GLU A 113 2.85 -11.95 22.60
CA GLU A 113 2.33 -12.68 23.76
C GLU A 113 0.83 -12.54 24.00
N ALA A 114 0.38 -11.30 24.20
CA ALA A 114 -1.02 -11.04 24.50
C ALA A 114 -1.98 -11.10 23.31
N GLY A 115 -1.47 -10.98 22.09
CA GLY A 115 -2.37 -10.98 20.95
C GLY A 115 -2.45 -12.21 20.07
N LYS A 116 -1.51 -13.15 20.23
CA LYS A 116 -1.50 -14.33 19.38
C LYS A 116 -2.78 -15.16 19.34
N ASP A 117 -3.34 -15.49 20.50
CA ASP A 117 -4.56 -16.30 20.53
C ASP A 117 -5.68 -15.71 19.69
N ASP A 118 -5.94 -14.42 19.86
CA ASP A 118 -6.99 -13.76 19.11
C ASP A 118 -6.64 -13.62 17.63
N TYR A 119 -5.36 -13.41 17.34
CA TYR A 119 -4.92 -13.27 15.96
C TYR A 119 -5.15 -14.57 15.21
N VAL A 120 -4.79 -15.68 15.82
CA VAL A 120 -4.96 -16.99 15.20
C VAL A 120 -6.44 -17.30 15.06
N LYS A 121 -7.23 -16.87 16.04
CA LYS A 121 -8.67 -17.10 16.02
C LYS A 121 -9.26 -16.36 14.82
N ALA A 122 -8.78 -15.15 14.60
CA ALA A 122 -9.26 -14.31 13.50
C ALA A 122 -8.62 -14.61 12.14
N LEU A 123 -7.54 -15.39 12.14
CA LEU A 123 -6.83 -15.71 10.90
C LEU A 123 -7.71 -16.23 9.75
N PRO A 124 -8.54 -17.25 10.01
CA PRO A 124 -9.42 -17.82 8.97
C PRO A 124 -10.21 -16.78 8.19
N GLY A 125 -10.83 -15.85 8.91
CA GLY A 125 -11.61 -14.81 8.26
C GLY A 125 -10.73 -13.91 7.42
N GLN A 126 -9.45 -13.83 7.76
CA GLN A 126 -8.50 -12.98 7.03
C GLN A 126 -7.94 -13.66 5.78
N LEU A 127 -7.86 -14.99 5.81
CA LEU A 127 -7.32 -15.72 4.67
C LEU A 127 -8.39 -16.03 3.63
N LYS A 128 -9.62 -16.18 4.10
CA LYS A 128 -10.75 -16.51 3.24
C LYS A 128 -10.86 -15.71 1.94
N PRO A 129 -10.61 -14.39 1.98
CA PRO A 129 -10.71 -13.59 0.75
C PRO A 129 -9.84 -14.10 -0.40
N PHE A 130 -8.63 -14.56 -0.05
CA PHE A 130 -7.68 -15.07 -1.03
C PHE A 130 -8.11 -16.42 -1.58
N GLU A 131 -8.73 -17.24 -0.74
CA GLU A 131 -9.22 -18.56 -1.16
C GLU A 131 -10.38 -18.29 -2.13
N THR A 132 -11.22 -17.32 -1.80
CA THR A 132 -12.37 -16.94 -2.64
C THR A 132 -11.91 -16.50 -4.04
N LEU A 133 -10.92 -15.62 -4.09
CA LEU A 133 -10.39 -15.13 -5.36
C LEU A 133 -9.82 -16.30 -6.16
N LEU A 134 -9.14 -17.19 -5.45
CA LEU A 134 -8.56 -18.36 -6.08
C LEU A 134 -9.68 -19.21 -6.70
N SER A 135 -10.76 -19.41 -5.94
CA SER A 135 -11.87 -20.22 -6.42
C SER A 135 -12.58 -19.61 -7.62
N GLN A 136 -12.42 -18.31 -7.82
CA GLN A 136 -13.08 -17.65 -8.93
C GLN A 136 -12.18 -17.50 -10.16
N ASN A 137 -10.96 -18.01 -10.07
CA ASN A 137 -10.03 -17.96 -11.18
C ASN A 137 -9.58 -19.35 -11.58
N GLN A 138 -10.26 -19.93 -12.57
CA GLN A 138 -9.96 -21.26 -13.07
C GLN A 138 -9.81 -22.31 -11.98
N GLY A 139 -10.78 -22.34 -11.07
CA GLY A 139 -10.74 -23.30 -9.98
C GLY A 139 -9.52 -23.22 -9.10
N GLY A 140 -8.81 -22.10 -9.16
CA GLY A 140 -7.62 -21.92 -8.34
C GLY A 140 -6.43 -22.76 -8.76
N LYS A 141 -6.46 -23.30 -9.97
CA LYS A 141 -5.39 -24.15 -10.47
C LYS A 141 -4.21 -23.39 -11.08
N THR A 142 -4.35 -22.07 -11.25
CA THR A 142 -3.28 -21.28 -11.83
C THR A 142 -2.67 -20.25 -10.88
N PHE A 143 -3.04 -18.98 -11.04
CA PHE A 143 -2.49 -17.93 -10.18
C PHE A 143 -3.59 -17.15 -9.46
N ILE A 144 -3.18 -16.19 -8.62
CA ILE A 144 -4.17 -15.41 -7.88
C ILE A 144 -5.00 -14.53 -8.82
N VAL A 145 -4.39 -14.07 -9.90
CA VAL A 145 -5.08 -13.24 -10.90
C VAL A 145 -4.66 -13.66 -12.31
N GLY A 146 -5.64 -14.02 -13.14
CA GLY A 146 -5.33 -14.40 -14.51
C GLY A 146 -4.64 -15.73 -14.71
N ASP A 147 -4.03 -15.92 -15.87
CA ASP A 147 -3.34 -17.16 -16.18
C ASP A 147 -1.81 -17.08 -16.12
N GLN A 148 -1.29 -15.95 -15.66
CA GLN A 148 0.16 -15.78 -15.53
C GLN A 148 0.49 -15.20 -14.17
N ILE A 149 1.65 -15.56 -13.63
CA ILE A 149 2.07 -15.08 -12.32
C ILE A 149 2.25 -13.56 -12.29
N SER A 150 2.00 -12.96 -11.12
CA SER A 150 2.14 -11.51 -10.94
C SER A 150 2.93 -11.25 -9.67
N PHE A 151 3.32 -10.00 -9.44
CA PHE A 151 4.07 -9.70 -8.23
C PHE A 151 3.21 -9.99 -6.99
N ALA A 152 1.89 -9.90 -7.15
CA ALA A 152 0.98 -10.18 -6.04
C ALA A 152 1.08 -11.63 -5.59
N ASP A 153 1.37 -12.54 -6.53
CA ASP A 153 1.50 -13.95 -6.19
C ASP A 153 2.65 -14.18 -5.21
N TYR A 154 3.80 -13.54 -5.48
CA TYR A 154 4.96 -13.68 -4.60
C TYR A 154 4.70 -13.10 -3.22
N ASN A 155 3.96 -12.00 -3.16
CA ASN A 155 3.66 -11.36 -1.88
C ASN A 155 2.67 -12.23 -1.10
N LEU A 156 1.66 -12.77 -1.78
CA LEU A 156 0.68 -13.62 -1.12
C LEU A 156 1.37 -14.91 -0.67
N LEU A 157 2.22 -15.47 -1.54
CA LEU A 157 2.93 -16.70 -1.18
C LEU A 157 3.69 -16.52 0.13
N ASP A 158 4.45 -15.43 0.24
CA ASP A 158 5.22 -15.19 1.46
C ASP A 158 4.28 -15.10 2.67
N LEU A 159 3.21 -14.33 2.51
CA LEU A 159 2.23 -14.13 3.57
C LEU A 159 1.75 -15.49 4.09
N LEU A 160 1.46 -16.39 3.15
CA LEU A 160 0.98 -17.71 3.51
C LEU A 160 2.08 -18.54 4.19
N LEU A 161 3.30 -18.44 3.67
CA LEU A 161 4.42 -19.18 4.22
C LEU A 161 4.71 -18.81 5.67
N ILE A 162 4.71 -17.52 5.99
CA ILE A 162 4.99 -17.12 7.36
C ILE A 162 3.84 -17.40 8.31
N HIS A 163 2.62 -17.46 7.78
CA HIS A 163 1.47 -17.74 8.64
C HIS A 163 1.38 -19.23 8.95
N GLU A 164 1.97 -20.07 8.10
CA GLU A 164 1.98 -21.51 8.36
C GLU A 164 2.96 -21.75 9.50
N VAL A 165 3.96 -20.88 9.62
CA VAL A 165 4.94 -20.98 10.70
C VAL A 165 4.31 -20.44 11.98
N LEU A 166 3.56 -19.36 11.85
CA LEU A 166 2.88 -18.74 13.00
C LEU A 166 1.79 -19.65 13.55
N ALA A 167 1.02 -20.25 12.66
CA ALA A 167 -0.08 -21.13 13.05
C ALA A 167 -0.08 -22.37 12.16
N PRO A 168 0.72 -23.37 12.50
CA PRO A 168 0.78 -24.59 11.70
C PRO A 168 -0.61 -25.12 11.38
N GLY A 169 -0.80 -25.54 10.13
CA GLY A 169 -2.08 -26.06 9.70
C GLY A 169 -3.18 -25.04 9.42
N CYS A 170 -2.83 -23.76 9.43
CA CYS A 170 -3.84 -22.73 9.16
C CYS A 170 -4.45 -22.84 7.76
N LEU A 171 -3.75 -23.51 6.85
CA LEU A 171 -4.27 -23.67 5.50
C LEU A 171 -5.09 -24.96 5.32
N ASP A 172 -5.28 -25.69 6.42
CA ASP A 172 -6.07 -26.92 6.38
C ASP A 172 -7.49 -26.60 5.97
N ALA A 173 -7.95 -25.41 6.36
CA ALA A 173 -9.30 -24.98 6.04
C ALA A 173 -9.42 -24.34 4.66
N PHE A 174 -8.32 -24.30 3.92
CA PHE A 174 -8.31 -23.68 2.60
C PHE A 174 -7.56 -24.51 1.57
N PRO A 175 -8.21 -25.54 1.02
CA PRO A 175 -7.57 -26.41 0.03
C PRO A 175 -6.93 -25.70 -1.17
N LEU A 176 -7.60 -24.67 -1.70
CA LEU A 176 -7.04 -23.96 -2.84
C LEU A 176 -5.72 -23.26 -2.48
N LEU A 177 -5.71 -22.56 -1.35
CA LEU A 177 -4.49 -21.87 -0.91
C LEU A 177 -3.39 -22.89 -0.63
N SER A 178 -3.77 -24.01 -0.02
CA SER A 178 -2.79 -25.05 0.30
C SER A 178 -2.10 -25.55 -0.96
N ALA A 179 -2.89 -25.98 -1.94
CA ALA A 179 -2.34 -26.48 -3.20
C ALA A 179 -1.54 -25.37 -3.89
N TYR A 180 -2.06 -24.16 -3.80
CA TYR A 180 -1.42 -22.98 -4.40
C TYR A 180 0.00 -22.83 -3.86
N VAL A 181 0.15 -22.94 -2.54
CA VAL A 181 1.47 -22.82 -1.91
C VAL A 181 2.40 -23.92 -2.38
N GLY A 182 1.88 -25.14 -2.45
CA GLY A 182 2.70 -26.27 -2.88
C GLY A 182 3.11 -26.14 -4.32
N ARG A 183 2.20 -25.64 -5.16
CA ARG A 183 2.45 -25.47 -6.57
C ARG A 183 3.49 -24.39 -6.87
N LEU A 184 3.29 -23.18 -6.35
CA LEU A 184 4.25 -22.12 -6.59
C LEU A 184 5.62 -22.42 -5.97
N SER A 185 5.63 -23.02 -4.79
CA SER A 185 6.89 -23.37 -4.14
C SER A 185 7.67 -24.39 -4.96
N ALA A 186 6.98 -25.16 -5.79
CA ALA A 186 7.61 -26.19 -6.60
C ALA A 186 8.28 -25.64 -7.87
N ARG A 187 7.98 -24.39 -8.23
CA ARG A 187 8.62 -23.81 -9.41
C ARG A 187 10.13 -23.94 -9.22
N PRO A 188 10.81 -24.62 -10.16
CA PRO A 188 12.25 -24.86 -10.15
C PRO A 188 13.16 -23.79 -9.55
N LYS A 189 13.15 -22.59 -10.12
CA LYS A 189 13.99 -21.51 -9.63
C LYS A 189 13.60 -21.08 -8.22
N LEU A 190 12.29 -21.00 -7.96
CA LEU A 190 11.82 -20.58 -6.64
C LEU A 190 12.15 -21.65 -5.60
N LYS A 191 11.95 -22.92 -5.96
CA LYS A 191 12.24 -24.03 -5.07
C LYS A 191 13.70 -24.03 -4.65
N ALA A 192 14.59 -23.75 -5.60
CA ALA A 192 16.02 -23.74 -5.31
C ALA A 192 16.34 -22.57 -4.37
N PHE A 193 15.73 -21.42 -4.60
CA PHE A 193 15.97 -20.26 -3.75
C PHE A 193 15.50 -20.51 -2.32
N LEU A 194 14.30 -21.05 -2.18
CA LEU A 194 13.73 -21.33 -0.86
C LEU A 194 14.53 -22.33 -0.04
N ALA A 195 15.28 -23.20 -0.71
CA ALA A 195 16.08 -24.19 -0.01
C ALA A 195 17.53 -23.73 0.16
N SER A 196 17.85 -22.56 -0.39
CA SER A 196 19.22 -22.05 -0.31
C SER A 196 19.54 -21.30 0.98
N PRO A 197 20.83 -21.26 1.37
CA PRO A 197 21.27 -20.57 2.59
C PRO A 197 20.86 -19.09 2.57
N GLU A 198 20.90 -18.49 1.39
CA GLU A 198 20.56 -17.08 1.21
C GLU A 198 19.20 -16.79 1.83
N TYR A 199 18.30 -17.76 1.78
CA TYR A 199 16.95 -17.64 2.33
C TYR A 199 16.80 -18.31 3.69
N VAL A 200 17.17 -19.59 3.74
CA VAL A 200 17.05 -20.36 4.98
C VAL A 200 17.81 -19.82 6.18
N ASN A 201 18.99 -19.28 5.97
CA ASN A 201 19.79 -18.77 7.08
C ASN A 201 19.44 -17.39 7.62
N LEU A 202 18.36 -16.83 7.11
CA LEU A 202 17.89 -15.53 7.55
C LEU A 202 16.61 -15.76 8.37
N PRO A 203 16.46 -15.09 9.53
CA PRO A 203 15.25 -15.29 10.32
C PRO A 203 14.10 -14.56 9.62
N ILE A 204 12.87 -14.95 9.91
CA ILE A 204 11.72 -14.32 9.28
C ILE A 204 11.59 -12.87 9.70
N ASN A 205 11.69 -12.62 10.99
CA ASN A 205 11.58 -11.28 11.54
C ASN A 205 12.85 -10.89 12.30
N GLY A 206 12.92 -9.64 12.74
CA GLY A 206 14.11 -9.17 13.43
C GLY A 206 14.12 -9.22 14.94
N ASN A 207 13.07 -9.74 15.56
CA ASN A 207 13.02 -9.81 17.02
C ASN A 207 12.97 -11.25 17.51
N GLY A 208 13.29 -12.18 16.64
CA GLY A 208 13.30 -13.59 17.00
C GLY A 208 11.95 -14.26 17.11
N LYS A 209 10.88 -13.54 16.81
CA LYS A 209 9.54 -14.12 16.89
C LYS A 209 8.99 -14.52 15.52
N GLN A 210 8.19 -15.58 15.51
CA GLN A 210 7.60 -16.08 14.27
C GLN A 210 6.37 -16.93 14.56
N PRO B 3 -20.76 6.80 -14.90
CA PRO B 3 -19.97 5.57 -15.19
C PRO B 3 -19.28 5.03 -13.95
N TYR B 4 -19.06 5.91 -12.97
CA TYR B 4 -18.40 5.52 -11.73
C TYR B 4 -19.33 5.59 -10.53
N THR B 5 -19.19 4.62 -9.63
CA THR B 5 -19.99 4.61 -8.41
C THR B 5 -19.09 4.37 -7.20
N VAL B 6 -19.20 5.26 -6.22
CA VAL B 6 -18.42 5.15 -5.00
C VAL B 6 -19.34 4.73 -3.86
N VAL B 7 -19.06 3.57 -3.28
CA VAL B 7 -19.85 3.06 -2.16
C VAL B 7 -19.01 3.24 -0.90
N TYR B 8 -19.44 4.16 -0.04
CA TYR B 8 -18.68 4.45 1.17
C TYR B 8 -19.58 5.08 2.24
N PHE B 9 -19.04 5.20 3.45
CA PHE B 9 -19.78 5.80 4.56
C PHE B 9 -19.81 7.32 4.33
N PRO B 10 -20.71 8.04 5.03
CA PRO B 10 -20.79 9.48 4.85
C PRO B 10 -19.66 10.26 5.55
N VAL B 11 -18.44 10.04 5.08
CA VAL B 11 -17.26 10.71 5.63
C VAL B 11 -16.28 10.88 4.48
N ARG B 12 -15.27 11.73 4.65
CA ARG B 12 -14.27 11.92 3.61
C ARG B 12 -13.33 10.72 3.63
N GLY B 13 -12.69 10.52 4.77
CA GLY B 13 -11.78 9.40 4.97
C GLY B 13 -10.97 8.91 3.78
N ARG B 14 -11.09 7.63 3.48
CA ARG B 14 -10.34 7.02 2.38
C ARG B 14 -10.90 7.23 0.98
N CYS B 15 -11.94 8.05 0.85
CA CYS B 15 -12.50 8.35 -0.46
C CYS B 15 -12.22 9.80 -0.86
N ALA B 16 -11.72 10.59 0.07
CA ALA B 16 -11.42 11.99 -0.18
C ALA B 16 -10.48 12.23 -1.36
N ALA B 17 -9.38 11.48 -1.42
CA ALA B 17 -8.42 11.64 -2.51
C ALA B 17 -8.98 11.24 -3.88
N LEU B 18 -9.60 10.07 -3.96
CA LEU B 18 -10.14 9.61 -5.25
C LEU B 18 -11.28 10.49 -5.73
N ARG B 19 -12.01 11.11 -4.80
CA ARG B 19 -13.10 12.01 -5.16
C ARG B 19 -12.50 13.29 -5.76
N MET B 20 -11.44 13.79 -5.14
CA MET B 20 -10.80 15.00 -5.64
C MET B 20 -10.25 14.73 -7.03
N LEU B 21 -9.74 13.52 -7.24
CA LEU B 21 -9.20 13.11 -8.53
C LEU B 21 -10.30 13.13 -9.59
N LEU B 22 -11.40 12.44 -9.31
CA LEU B 22 -12.52 12.39 -10.25
C LEU B 22 -13.04 13.78 -10.55
N ALA B 23 -13.19 14.61 -9.52
CA ALA B 23 -13.68 15.97 -9.68
C ALA B 23 -12.73 16.81 -10.51
N ASP B 24 -11.45 16.81 -10.14
CA ASP B 24 -10.46 17.60 -10.86
C ASP B 24 -10.35 17.15 -12.31
N GLN B 25 -10.54 15.86 -12.55
CA GLN B 25 -10.46 15.31 -13.89
C GLN B 25 -11.76 15.45 -14.67
N GLY B 26 -12.70 16.20 -14.10
CA GLY B 26 -13.97 16.42 -14.77
C GLY B 26 -14.80 15.16 -14.99
N GLN B 27 -14.65 14.18 -14.11
CA GLN B 27 -15.40 12.94 -14.22
C GLN B 27 -16.63 13.03 -13.33
N SER B 28 -17.73 12.42 -13.76
CA SER B 28 -18.95 12.43 -12.97
C SER B 28 -19.04 11.07 -12.29
N TRP B 29 -19.72 11.01 -11.15
CA TRP B 29 -19.84 9.75 -10.43
C TRP B 29 -21.02 9.76 -9.48
N LYS B 30 -21.47 8.56 -9.10
CA LYS B 30 -22.57 8.44 -8.17
C LYS B 30 -22.03 8.06 -6.79
N GLU B 31 -22.60 8.66 -5.76
CA GLU B 31 -22.21 8.36 -4.39
C GLU B 31 -23.28 7.45 -3.81
N GLU B 32 -22.90 6.23 -3.47
CA GLU B 32 -23.83 5.29 -2.86
C GLU B 32 -23.49 5.36 -1.38
N VAL B 33 -24.20 6.23 -0.67
CA VAL B 33 -23.96 6.43 0.76
C VAL B 33 -24.47 5.29 1.64
N VAL B 34 -23.55 4.67 2.38
CA VAL B 34 -23.92 3.59 3.28
C VAL B 34 -23.84 4.10 4.70
N THR B 35 -24.99 4.12 5.39
CA THR B 35 -25.03 4.59 6.77
C THR B 35 -24.52 3.50 7.70
N VAL B 36 -24.13 3.89 8.90
CA VAL B 36 -23.62 2.92 9.86
C VAL B 36 -24.71 1.88 10.16
N GLU B 37 -25.95 2.34 10.28
CA GLU B 37 -27.04 1.41 10.55
C GLU B 37 -27.13 0.38 9.44
N THR B 38 -27.10 0.84 8.18
CA THR B 38 -27.17 -0.06 7.05
C THR B 38 -26.01 -1.05 7.08
N TRP B 39 -24.82 -0.54 7.40
CA TRP B 39 -23.62 -1.38 7.46
C TRP B 39 -23.76 -2.43 8.55
N GLN B 40 -24.38 -2.05 9.65
CA GLN B 40 -24.58 -2.98 10.77
C GLN B 40 -25.55 -4.09 10.43
N GLU B 41 -26.35 -3.90 9.39
CA GLU B 41 -27.30 -4.93 8.97
C GLU B 41 -26.52 -6.16 8.50
N GLY B 42 -25.26 -5.94 8.12
CA GLY B 42 -24.39 -7.03 7.71
C GLY B 42 -24.35 -7.54 6.26
N SER B 43 -25.43 -7.35 5.51
CA SER B 43 -25.49 -7.84 4.13
C SER B 43 -24.34 -7.36 3.25
N LEU B 44 -24.29 -6.05 3.01
CA LEU B 44 -23.25 -5.48 2.17
C LEU B 44 -21.86 -5.92 2.60
N LYS B 45 -21.55 -5.75 3.89
CA LYS B 45 -20.24 -6.14 4.41
C LYS B 45 -19.85 -7.55 4.00
N ALA B 46 -20.76 -8.50 4.21
CA ALA B 46 -20.50 -9.88 3.86
C ALA B 46 -20.18 -10.06 2.38
N SER B 47 -20.74 -9.22 1.54
CA SER B 47 -20.52 -9.30 0.09
C SER B 47 -19.24 -8.61 -0.39
N CYS B 48 -18.60 -7.85 0.50
CA CYS B 48 -17.36 -7.13 0.15
C CYS B 48 -16.15 -8.06 0.27
N LEU B 49 -15.28 -8.02 -0.74
CA LEU B 49 -14.10 -8.88 -0.76
C LEU B 49 -13.37 -8.99 0.57
N TYR B 50 -13.01 -7.86 1.16
CA TYR B 50 -12.30 -7.85 2.43
C TYR B 50 -13.19 -7.39 3.58
N GLY B 51 -14.51 -7.45 3.36
CA GLY B 51 -15.45 -7.05 4.38
C GLY B 51 -15.42 -5.56 4.72
N GLN B 52 -14.92 -4.74 3.80
CA GLN B 52 -14.84 -3.30 4.05
C GLN B 52 -15.14 -2.42 2.84
N LEU B 53 -15.29 -1.13 3.13
CA LEU B 53 -15.53 -0.11 2.11
C LEU B 53 -14.28 0.78 2.11
N PRO B 54 -14.08 1.59 1.07
CA PRO B 54 -14.92 1.76 -0.12
C PRO B 54 -14.97 0.59 -1.11
N LYS B 55 -16.08 0.57 -1.85
CA LYS B 55 -16.34 -0.40 -2.91
C LYS B 55 -16.43 0.54 -4.11
N PHE B 56 -15.83 0.15 -5.23
CA PHE B 56 -15.83 1.01 -6.41
C PHE B 56 -16.29 0.28 -7.68
N GLN B 57 -17.10 0.95 -8.48
CA GLN B 57 -17.59 0.37 -9.71
C GLN B 57 -17.24 1.22 -10.92
N ASP B 58 -16.61 0.59 -11.90
CA ASP B 58 -16.23 1.24 -13.16
C ASP B 58 -16.81 0.34 -14.22
N GLY B 59 -18.01 0.68 -14.70
CA GLY B 59 -18.66 -0.16 -15.69
C GLY B 59 -18.94 -1.49 -15.02
N ASP B 60 -18.56 -2.58 -15.67
CA ASP B 60 -18.79 -3.90 -15.10
C ASP B 60 -17.70 -4.30 -14.10
N LEU B 61 -16.68 -3.47 -13.95
CA LEU B 61 -15.59 -3.76 -13.02
C LEU B 61 -15.92 -3.27 -11.61
N THR B 62 -15.81 -4.16 -10.64
CA THR B 62 -16.05 -3.82 -9.25
C THR B 62 -14.74 -3.95 -8.48
N LEU B 63 -14.33 -2.88 -7.81
CA LEU B 63 -13.07 -2.91 -7.06
C LEU B 63 -13.21 -2.58 -5.58
N TYR B 64 -12.20 -2.98 -4.81
CA TYR B 64 -12.13 -2.72 -3.37
C TYR B 64 -10.70 -2.23 -3.13
N GLN B 65 -10.46 -1.63 -1.96
CA GLN B 65 -9.15 -1.09 -1.59
C GLN B 65 -8.95 0.30 -2.18
N SER B 66 -8.91 1.31 -1.30
CA SER B 66 -8.76 2.70 -1.73
C SER B 66 -7.60 2.98 -2.69
N ASN B 67 -6.42 2.42 -2.44
CA ASN B 67 -5.29 2.65 -3.31
C ASN B 67 -5.38 1.91 -4.65
N THR B 68 -6.14 0.82 -4.67
CA THR B 68 -6.33 0.08 -5.91
C THR B 68 -7.19 0.95 -6.82
N ILE B 69 -8.18 1.60 -6.23
CA ILE B 69 -9.06 2.49 -6.98
C ILE B 69 -8.23 3.64 -7.51
N LEU B 70 -7.38 4.20 -6.65
CA LEU B 70 -6.52 5.31 -7.05
C LEU B 70 -5.61 4.90 -8.22
N ARG B 71 -4.99 3.72 -8.12
CA ARG B 71 -4.10 3.26 -9.17
C ARG B 71 -4.85 2.90 -10.44
N HIS B 72 -6.08 2.40 -10.29
CA HIS B 72 -6.89 2.06 -11.46
C HIS B 72 -7.23 3.32 -12.24
N LEU B 73 -7.65 4.35 -11.51
CA LEU B 73 -7.99 5.62 -12.14
C LEU B 73 -6.72 6.24 -12.72
N GLY B 74 -5.62 6.10 -11.98
CA GLY B 74 -4.35 6.66 -12.45
C GLY B 74 -3.94 6.02 -13.76
N ARG B 75 -4.10 4.70 -13.83
CA ARG B 75 -3.74 3.93 -15.00
C ARG B 75 -4.68 4.21 -16.18
N THR B 76 -5.99 4.23 -15.93
CA THR B 76 -6.95 4.47 -17.00
C THR B 76 -7.09 5.93 -17.44
N LEU B 77 -6.87 6.88 -16.52
CA LEU B 77 -7.01 8.28 -16.88
C LEU B 77 -5.67 8.96 -17.21
N GLY B 78 -4.60 8.18 -17.15
CA GLY B 78 -3.28 8.72 -17.46
C GLY B 78 -2.69 9.62 -16.40
N LEU B 79 -2.84 9.24 -15.13
CA LEU B 79 -2.31 10.02 -14.02
C LEU B 79 -1.32 9.10 -13.27
N TYR B 80 -0.35 8.54 -13.99
CA TYR B 80 0.61 7.61 -13.41
C TYR B 80 2.03 7.84 -13.92
N GLY B 81 2.36 9.08 -14.24
CA GLY B 81 3.69 9.36 -14.75
C GLY B 81 3.79 9.08 -16.24
N LYS B 82 4.91 9.46 -16.85
CA LYS B 82 5.08 9.28 -18.29
C LYS B 82 5.71 7.96 -18.70
N ASP B 83 6.43 7.33 -17.78
CA ASP B 83 7.09 6.07 -18.07
C ASP B 83 7.22 5.22 -16.81
N GLN B 84 7.89 4.07 -16.93
CA GLN B 84 8.06 3.17 -15.79
C GLN B 84 8.83 3.79 -14.64
N GLN B 85 9.88 4.54 -14.95
CA GLN B 85 10.67 5.18 -13.88
C GLN B 85 9.79 6.11 -13.07
N GLU B 86 9.05 7.00 -13.73
CA GLU B 86 8.18 7.92 -12.99
C GLU B 86 7.06 7.13 -12.28
N ALA B 87 6.58 6.07 -12.91
CA ALA B 87 5.53 5.25 -12.31
C ALA B 87 6.03 4.69 -10.96
N ALA B 88 7.30 4.33 -10.93
CA ALA B 88 7.91 3.80 -9.71
C ALA B 88 7.95 4.91 -8.66
N LEU B 89 8.29 6.12 -9.11
CA LEU B 89 8.37 7.28 -8.22
C LEU B 89 6.98 7.62 -7.69
N VAL B 90 5.96 7.50 -8.54
CA VAL B 90 4.60 7.79 -8.14
C VAL B 90 4.17 6.80 -7.03
N ASP B 91 4.50 5.53 -7.20
CA ASP B 91 4.15 4.52 -6.21
C ASP B 91 4.85 4.80 -4.89
N MET B 92 6.13 5.21 -4.97
CA MET B 92 6.92 5.50 -3.79
C MET B 92 6.27 6.60 -2.96
N VAL B 93 5.78 7.65 -3.64
CA VAL B 93 5.10 8.73 -2.96
C VAL B 93 3.79 8.22 -2.34
N ASN B 94 2.97 7.53 -3.13
CA ASN B 94 1.70 7.04 -2.61
C ASN B 94 1.85 6.12 -1.40
N ASP B 95 2.79 5.18 -1.46
CA ASP B 95 3.02 4.27 -0.34
C ASP B 95 3.43 5.07 0.88
N GLY B 96 4.21 6.13 0.65
CA GLY B 96 4.66 6.99 1.74
C GLY B 96 3.45 7.69 2.34
N VAL B 97 2.53 8.12 1.48
CA VAL B 97 1.32 8.80 1.93
C VAL B 97 0.46 7.80 2.71
N GLU B 98 0.33 6.60 2.18
CA GLU B 98 -0.44 5.54 2.81
C GLU B 98 0.12 5.23 4.21
N ASP B 99 1.44 5.18 4.32
CA ASP B 99 2.09 4.92 5.61
C ASP B 99 1.69 5.97 6.66
N LEU B 100 1.74 7.25 6.29
CA LEU B 100 1.39 8.32 7.22
C LEU B 100 -0.10 8.33 7.51
N ARG B 101 -0.91 8.04 6.50
CA ARG B 101 -2.36 8.00 6.68
C ARG B 101 -2.71 6.92 7.69
N CYS B 102 -2.01 5.78 7.63
CA CYS B 102 -2.26 4.69 8.56
C CYS B 102 -1.94 5.10 10.00
N LYS B 103 -0.90 5.92 10.17
CA LYS B 103 -0.53 6.37 11.50
C LYS B 103 -1.58 7.40 11.96
N TYR B 104 -2.07 8.18 11.01
CA TYR B 104 -3.09 9.19 11.28
C TYR B 104 -4.38 8.49 11.70
N ILE B 105 -4.72 7.43 10.98
CA ILE B 105 -5.92 6.64 11.28
C ILE B 105 -5.84 6.03 12.67
N SER B 106 -4.68 5.46 13.01
CA SER B 106 -4.48 4.86 14.33
C SER B 106 -4.71 5.90 15.42
N LEU B 107 -4.18 7.11 15.21
CA LEU B 107 -4.35 8.18 16.16
C LEU B 107 -5.82 8.51 16.33
N ILE B 108 -6.44 8.93 15.23
CA ILE B 108 -7.85 9.31 15.21
C ILE B 108 -8.81 8.29 15.81
N TYR B 109 -8.70 7.04 15.39
CA TYR B 109 -9.61 6.00 15.83
C TYR B 109 -9.28 5.20 17.08
N THR B 110 -8.01 5.13 17.46
CA THR B 110 -7.67 4.31 18.63
C THR B 110 -6.90 4.98 19.76
N ASN B 111 -6.34 6.16 19.54
CA ASN B 111 -5.55 6.78 20.60
C ASN B 111 -5.46 8.31 20.53
N TYR B 112 -6.55 8.96 20.14
CA TYR B 112 -6.54 10.41 20.01
C TYR B 112 -6.14 11.20 21.26
N GLU B 113 -6.85 11.00 22.35
CA GLU B 113 -6.57 11.74 23.58
C GLU B 113 -5.19 11.58 24.19
N ALA B 114 -4.68 10.35 24.23
CA ALA B 114 -3.36 10.10 24.81
C ALA B 114 -2.19 10.17 23.83
N GLY B 115 -2.48 9.97 22.55
CA GLY B 115 -1.40 9.98 21.57
C GLY B 115 -1.20 11.20 20.69
N LYS B 116 -2.13 12.17 20.75
CA LYS B 116 -2.02 13.34 19.91
C LYS B 116 -0.73 14.16 20.10
N ASP B 117 -0.38 14.46 21.34
CA ASP B 117 0.83 15.24 21.61
C ASP B 117 2.07 14.66 20.95
N ASP B 118 2.29 13.36 21.12
CA ASP B 118 3.46 12.72 20.53
C ASP B 118 3.38 12.70 19.01
N TYR B 119 2.18 12.51 18.47
CA TYR B 119 1.99 12.47 17.02
C TYR B 119 2.36 13.81 16.41
N VAL B 120 1.82 14.88 16.97
CA VAL B 120 2.10 16.22 16.46
C VAL B 120 3.57 16.56 16.61
N LYS B 121 4.20 16.05 17.67
CA LYS B 121 5.60 16.30 17.90
C LYS B 121 6.46 15.67 16.80
N ALA B 122 6.06 14.49 16.35
CA ALA B 122 6.80 13.78 15.31
C ALA B 122 6.37 14.15 13.88
N LEU B 123 5.27 14.89 13.76
CA LEU B 123 4.72 15.29 12.46
C LEU B 123 5.71 15.94 11.49
N PRO B 124 6.47 16.95 11.94
CA PRO B 124 7.43 17.60 11.04
C PRO B 124 8.32 16.57 10.33
N GLY B 125 8.84 15.63 11.10
CA GLY B 125 9.70 14.60 10.54
C GLY B 125 9.00 13.69 9.55
N GLN B 126 7.68 13.60 9.65
CA GLN B 126 6.91 12.76 8.74
C GLN B 126 6.53 13.50 7.45
N LEU B 127 6.51 14.83 7.51
CA LEU B 127 6.14 15.63 6.35
C LEU B 127 7.34 16.08 5.52
N LYS B 128 8.50 16.20 6.16
CA LYS B 128 9.72 16.63 5.50
C LYS B 128 10.07 15.86 4.21
N PRO B 129 9.85 14.53 4.19
CA PRO B 129 10.17 13.75 2.99
C PRO B 129 9.48 14.29 1.74
N PHE B 130 8.22 14.70 1.89
CA PHE B 130 7.44 15.23 0.77
C PHE B 130 7.95 16.59 0.32
N GLU B 131 8.45 17.38 1.26
CA GLU B 131 9.02 18.69 0.93
C GLU B 131 10.30 18.44 0.14
N THR B 132 11.07 17.45 0.57
CA THR B 132 12.32 17.08 -0.08
C THR B 132 12.06 16.61 -1.52
N LEU B 133 11.03 15.77 -1.69
CA LEU B 133 10.69 15.28 -3.01
C LEU B 133 10.33 16.45 -3.93
N LEU B 134 9.56 17.39 -3.43
CA LEU B 134 9.20 18.54 -4.25
C LEU B 134 10.46 19.35 -4.58
N SER B 135 11.36 19.49 -3.62
CA SER B 135 12.58 20.26 -3.85
C SER B 135 13.45 19.66 -4.94
N GLN B 136 13.27 18.37 -5.21
CA GLN B 136 14.06 17.68 -6.22
C GLN B 136 13.37 17.56 -7.57
N ASN B 137 12.16 18.11 -7.69
CA ASN B 137 11.42 18.04 -8.95
C ASN B 137 10.96 19.41 -9.42
N GLN B 138 11.63 19.96 -10.43
CA GLN B 138 11.28 21.27 -10.98
C GLN B 138 11.17 22.34 -9.89
N GLY B 139 12.04 22.26 -8.89
CA GLY B 139 12.01 23.23 -7.81
C GLY B 139 10.71 23.23 -7.03
N GLY B 140 9.94 22.16 -7.14
CA GLY B 140 8.67 22.06 -6.45
C GLY B 140 7.58 22.91 -7.05
N LYS B 141 7.76 23.33 -8.30
CA LYS B 141 6.79 24.17 -8.98
C LYS B 141 5.72 23.44 -9.77
N THR B 142 5.87 22.13 -9.96
CA THR B 142 4.87 21.40 -10.73
C THR B 142 4.09 20.38 -9.88
N PHE B 143 4.48 19.12 -9.96
CA PHE B 143 3.77 18.08 -9.20
C PHE B 143 4.74 17.27 -8.36
N ILE B 144 4.22 16.34 -7.56
CA ILE B 144 5.10 15.55 -6.70
C ILE B 144 6.04 14.67 -7.53
N VAL B 145 5.59 14.29 -8.72
CA VAL B 145 6.42 13.48 -9.63
C VAL B 145 6.18 13.91 -11.07
N GLY B 146 7.26 14.19 -11.79
CA GLY B 146 7.13 14.56 -13.17
C GLY B 146 6.50 15.92 -13.48
N ASP B 147 6.03 16.05 -14.71
CA ASP B 147 5.43 17.29 -15.19
C ASP B 147 3.91 17.25 -15.27
N GLN B 148 3.32 16.14 -14.86
CA GLN B 148 1.86 16.00 -14.90
C GLN B 148 1.32 15.45 -13.60
N ILE B 149 0.09 15.82 -13.27
CA ILE B 149 -0.53 15.38 -12.02
C ILE B 149 -0.73 13.86 -12.07
N SER B 150 -0.60 13.21 -10.92
CA SER B 150 -0.77 11.76 -10.81
C SER B 150 -1.72 11.46 -9.65
N PHE B 151 -2.16 10.22 -9.51
CA PHE B 151 -3.06 9.91 -8.41
C PHE B 151 -2.38 10.19 -7.07
N ALA B 152 -1.05 10.10 -7.04
CA ALA B 152 -0.31 10.36 -5.80
C ALA B 152 -0.48 11.80 -5.32
N ASP B 153 -0.60 12.74 -6.26
CA ASP B 153 -0.80 14.15 -5.92
C ASP B 153 -2.10 14.35 -5.15
N TYR B 154 -3.17 13.71 -5.62
CA TYR B 154 -4.46 13.85 -4.96
C TYR B 154 -4.41 13.23 -3.57
N ASN B 155 -3.70 12.12 -3.45
CA ASN B 155 -3.59 11.45 -2.15
C ASN B 155 -2.73 12.28 -1.19
N LEU B 156 -1.60 12.80 -1.69
CA LEU B 156 -0.75 13.63 -0.84
C LEU B 156 -1.48 14.90 -0.43
N LEU B 157 -2.18 15.52 -1.39
CA LEU B 157 -2.94 16.74 -1.09
C LEU B 157 -3.89 16.51 0.07
N ASP B 158 -4.65 15.43 0.01
CA ASP B 158 -5.60 15.15 1.09
C ASP B 158 -4.86 14.96 2.40
N LEU B 159 -3.74 14.22 2.33
CA LEU B 159 -2.93 13.97 3.51
C LEU B 159 -2.58 15.32 4.16
N LEU B 160 -2.12 16.25 3.34
CA LEU B 160 -1.74 17.57 3.82
C LEU B 160 -2.93 18.36 4.36
N LEU B 161 -4.07 18.27 3.69
CA LEU B 161 -5.26 18.98 4.14
C LEU B 161 -5.72 18.52 5.51
N ILE B 162 -5.79 17.21 5.74
CA ILE B 162 -6.25 16.72 7.03
C ILE B 162 -5.25 17.00 8.15
N HIS B 163 -3.96 17.09 7.81
CA HIS B 163 -2.98 17.39 8.85
C HIS B 163 -3.00 18.86 9.22
N GLU B 164 -3.38 19.73 8.29
CA GLU B 164 -3.46 21.16 8.61
C GLU B 164 -4.58 21.34 9.62
N VAL B 165 -5.58 20.46 9.56
CA VAL B 165 -6.70 20.52 10.49
C VAL B 165 -6.27 19.93 11.84
N LEU B 166 -5.53 18.83 11.80
CA LEU B 166 -5.07 18.18 13.03
C LEU B 166 -4.06 19.07 13.76
N ALA B 167 -3.11 19.60 13.01
CA ALA B 167 -2.07 20.45 13.57
C ALA B 167 -1.93 21.70 12.72
N PRO B 168 -2.76 22.73 12.99
CA PRO B 168 -2.72 23.98 12.23
C PRO B 168 -1.32 24.56 12.12
N GLY B 169 -0.92 24.91 10.90
CA GLY B 169 0.39 25.49 10.68
C GLY B 169 1.53 24.50 10.50
N CYS B 170 1.19 23.22 10.38
CA CYS B 170 2.21 22.18 10.21
C CYS B 170 2.96 22.30 8.88
N LEU B 171 2.46 23.15 7.99
CA LEU B 171 3.11 23.36 6.69
C LEU B 171 3.93 24.65 6.68
N ASP B 172 3.90 25.38 7.79
CA ASP B 172 4.64 26.63 7.89
C ASP B 172 6.14 26.49 7.64
N ALA B 173 6.72 25.39 8.10
CA ALA B 173 8.16 25.19 7.91
C ALA B 173 8.49 24.58 6.55
N PHE B 174 7.47 24.29 5.75
CA PHE B 174 7.68 23.68 4.44
C PHE B 174 7.04 24.53 3.35
N PRO B 175 7.80 25.52 2.83
CA PRO B 175 7.33 26.42 1.77
C PRO B 175 6.84 25.74 0.50
N LEU B 176 7.55 24.71 0.04
CA LEU B 176 7.16 24.03 -1.18
C LEU B 176 5.81 23.31 -1.00
N LEU B 177 5.64 22.61 0.12
CA LEU B 177 4.39 21.91 0.39
C LEU B 177 3.23 22.90 0.51
N SER B 178 3.47 24.00 1.22
CA SER B 178 2.45 25.03 1.41
C SER B 178 1.97 25.56 0.05
N ALA B 179 2.91 26.01 -0.77
CA ALA B 179 2.60 26.53 -2.09
C ALA B 179 1.92 25.47 -2.95
N TYR B 180 2.37 24.23 -2.80
CA TYR B 180 1.84 23.08 -3.52
C TYR B 180 0.35 22.92 -3.20
N VAL B 181 0.00 22.99 -1.92
CA VAL B 181 -1.38 22.86 -1.49
C VAL B 181 -2.25 23.97 -2.12
N GLY B 182 -1.77 25.20 -2.05
CA GLY B 182 -2.54 26.31 -2.61
C GLY B 182 -2.69 26.21 -4.12
N ARG B 183 -1.62 25.83 -4.80
CA ARG B 183 -1.64 25.72 -6.24
C ARG B 183 -2.63 24.64 -6.71
N LEU B 184 -2.52 23.44 -6.15
CA LEU B 184 -3.43 22.36 -6.53
C LEU B 184 -4.87 22.69 -6.16
N SER B 185 -5.05 23.28 -4.98
CA SER B 185 -6.39 23.64 -4.51
C SER B 185 -7.01 24.73 -5.38
N ALA B 186 -6.17 25.43 -6.14
CA ALA B 186 -6.65 26.50 -7.00
C ALA B 186 -7.08 26.02 -8.39
N ARG B 187 -6.76 24.77 -8.72
CA ARG B 187 -7.18 24.24 -10.02
C ARG B 187 -8.71 24.38 -10.04
N PRO B 188 -9.25 25.04 -11.07
CA PRO B 188 -10.68 25.29 -11.25
C PRO B 188 -11.67 24.23 -10.74
N LYS B 189 -11.68 23.07 -11.38
CA LYS B 189 -12.60 22.01 -11.00
C LYS B 189 -12.41 21.52 -9.56
N LEU B 190 -11.15 21.41 -9.13
CA LEU B 190 -10.88 20.96 -7.77
C LEU B 190 -11.30 22.06 -6.79
N LYS B 191 -11.03 23.30 -7.16
CA LYS B 191 -11.37 24.44 -6.32
C LYS B 191 -12.88 24.41 -6.07
N ALA B 192 -13.64 24.19 -7.13
CA ALA B 192 -15.10 24.12 -7.04
C ALA B 192 -15.51 22.98 -6.12
N PHE B 193 -14.87 21.83 -6.27
CA PHE B 193 -15.21 20.68 -5.45
C PHE B 193 -14.98 20.93 -3.96
N LEU B 194 -13.79 21.42 -3.63
CA LEU B 194 -13.42 21.68 -2.24
C LEU B 194 -14.34 22.68 -1.55
N ALA B 195 -14.95 23.57 -2.33
CA ALA B 195 -15.85 24.56 -1.76
C ALA B 195 -17.30 24.09 -1.70
N SER B 196 -17.61 23.04 -2.45
CA SER B 196 -18.98 22.51 -2.49
C SER B 196 -19.38 21.77 -1.21
N PRO B 197 -20.69 21.77 -0.89
CA PRO B 197 -21.26 21.12 0.30
C PRO B 197 -20.94 19.62 0.33
N GLU B 198 -20.84 19.02 -0.85
CA GLU B 198 -20.56 17.60 -1.01
C GLU B 198 -19.27 17.22 -0.30
N TYR B 199 -18.35 18.18 -0.23
CA TYR B 199 -17.07 17.97 0.44
C TYR B 199 -17.08 18.63 1.81
N VAL B 200 -17.46 19.90 1.85
CA VAL B 200 -17.48 20.67 3.08
C VAL B 200 -18.35 20.17 4.22
N ASN B 201 -19.54 19.65 3.90
CA ASN B 201 -20.44 19.19 4.94
C ASN B 201 -20.26 17.74 5.35
N LEU B 202 -19.16 17.14 4.92
CA LEU B 202 -18.85 15.76 5.26
C LEU B 202 -17.78 15.79 6.34
N PRO B 203 -17.94 14.98 7.40
CA PRO B 203 -16.89 15.01 8.42
C PRO B 203 -15.66 14.28 7.87
N ILE B 204 -14.48 14.67 8.33
CA ILE B 204 -13.26 14.03 7.85
C ILE B 204 -13.23 12.55 8.20
N ASN B 205 -13.59 12.23 9.44
CA ASN B 205 -13.59 10.86 9.91
C ASN B 205 -14.96 10.43 10.45
N GLY B 206 -15.09 9.16 10.82
CA GLY B 206 -16.38 8.68 11.30
C GLY B 206 -16.64 8.74 12.79
N ASN B 207 -15.69 9.23 13.59
CA ASN B 207 -15.88 9.30 15.03
C ASN B 207 -15.90 10.73 15.56
N GLY B 208 -16.06 11.69 14.66
CA GLY B 208 -16.11 13.09 15.04
C GLY B 208 -14.78 13.72 15.43
N LYS B 209 -13.69 12.97 15.30
CA LYS B 209 -12.38 13.52 15.65
C LYS B 209 -11.61 13.96 14.42
N GLN B 210 -10.80 14.99 14.57
CA GLN B 210 -10.00 15.52 13.47
C GLN B 210 -8.83 16.36 13.99
#